data_7QA2
#
_entry.id   7QA2
#
_entity_poly.entity_id   1
_entity_poly.type   'polyribonucleotide'
_entity_poly.pdbx_seq_one_letter_code
;GGGCCAUGGGGUGGGAGCUGGG
;
_entity_poly.pdbx_strand_id   A
#
loop_
_chem_comp.id
_chem_comp.type
_chem_comp.name
_chem_comp.formula
A RNA linking ADENOSINE-5'-MONOPHOSPHATE 'C10 H14 N5 O7 P'
C RNA linking CYTIDINE-5'-MONOPHOSPHATE 'C9 H14 N3 O8 P'
G RNA linking GUANOSINE-5'-MONOPHOSPHATE 'C10 H14 N5 O8 P'
U RNA linking URIDINE-5'-MONOPHOSPHATE 'C9 H13 N2 O9 P'
#